data_1E22
#
_entry.id   1E22
#
_cell.length_a   142.020
_cell.length_b   142.020
_cell.length_c   175.390
_cell.angle_alpha   90.00
_cell.angle_beta   90.00
_cell.angle_gamma   120.00
#
_symmetry.space_group_name_H-M   'P 61 2 2'
#
loop_
_entity.id
_entity.type
_entity.pdbx_description
1 polymer 'LYSYL-TRNA SYNTHETASE'
2 non-polymer LYSINE
3 non-polymer 'PHOSPHOMETHYLPHOSPHONIC ACID ADENYLATE ESTER'
4 non-polymer 'MAGNESIUM ION'
5 non-polymer GLYCEROL
6 water water
#
_entity_poly.entity_id   1
_entity_poly.type   'polypeptide(L)'
_entity_poly.pdbx_seq_one_letter_code
;SEQETRGANEAIDFNDELRNRREKLAALRQQGVAFPNDFRRDHTSDQLHEEFDAKDNQELESLNIEVSVAGRMMTRRIMG
KASFVTLQDVGGRIQLYVARDSLPEGVYNDQFKKWDLGDIIGARGTLFKTQTGELSIHCTELRLLTKALRPLPDKFHGLQ
DQEVRYRQRYLDLIANDKSRQTFVVRSKILAAIRQFMVARGFMEVETPMMQVIPGGASARPFITHHNALDLDMYLRIAPE
LYLKRLVVGGFERVFEINRNFRNEGISVRHNPEFTMMELYMAYADYHDLIELTESLFRTLAQEVLGTTKVTYGEHVFDFG
KPFEKLTMREAIKKYRPETDMADLDNFDAAKALAESIGITVEKSWGLGRIVTEIFDEVAEAHLIQPTFITEYPAEVSPLA
RRNDVNPEITDRFEFFIGGREIGNGFSELNDAEDQAERFQEQVNAKAAGDDEAMFYDEDYVTALEYGLPPTAGLGIGIDR
MIMLFTNSHTIRDVILFPAMRPQK
;
_entity_poly.pdbx_strand_id   A
#
loop_
_chem_comp.id
_chem_comp.type
_chem_comp.name
_chem_comp.formula
ACP non-polymer 'PHOSPHOMETHYLPHOSPHONIC ACID ADENYLATE ESTER' 'C11 H18 N5 O12 P3'
GOL non-polymer GLYCEROL 'C3 H8 O3'
MG non-polymer 'MAGNESIUM ION' 'Mg 2'
#
# COMPACT_ATOMS: atom_id res chain seq x y z
N ALA A 11 32.63 -7.24 17.00
CA ALA A 11 32.35 -6.61 18.28
C ALA A 11 32.89 -5.18 18.33
N ILE A 12 34.18 -5.06 18.62
CA ILE A 12 34.85 -3.76 18.69
C ILE A 12 35.26 -3.34 17.29
N ASP A 13 35.28 -4.30 16.37
CA ASP A 13 35.65 -4.04 14.97
C ASP A 13 34.64 -3.11 14.31
N PHE A 14 33.44 -3.06 14.87
CA PHE A 14 32.40 -2.19 14.35
C PHE A 14 32.75 -0.77 14.75
N ASN A 15 33.11 -0.58 16.02
CA ASN A 15 33.47 0.74 16.51
C ASN A 15 34.73 1.28 15.84
N ASP A 16 35.52 0.37 15.31
CA ASP A 16 36.73 0.74 14.62
C ASP A 16 36.31 1.25 13.28
N GLU A 17 35.25 0.67 12.72
CA GLU A 17 34.72 1.10 11.44
C GLU A 17 34.15 2.52 11.58
N LEU A 18 33.40 2.76 12.66
CA LEU A 18 32.84 4.07 12.90
C LEU A 18 33.96 5.09 13.10
N ARG A 19 34.99 4.71 13.85
CA ARG A 19 36.09 5.63 14.09
C ARG A 19 36.87 5.94 12.82
N ASN A 20 37.07 4.94 11.98
CA ASN A 20 37.82 5.11 10.74
C ASN A 20 37.13 5.95 9.69
N ARG A 21 35.81 5.83 9.61
CA ARG A 21 35.04 6.60 8.63
C ARG A 21 34.96 8.05 9.06
N ARG A 22 34.81 8.27 10.36
CA ARG A 22 34.75 9.60 10.95
C ARG A 22 36.10 10.28 10.72
N GLU A 23 37.20 9.55 10.88
CA GLU A 23 38.55 10.10 10.69
C GLU A 23 38.83 10.44 9.23
N LYS A 24 38.27 9.65 8.33
CA LYS A 24 38.44 9.86 6.91
C LYS A 24 37.64 11.11 6.52
N LEU A 25 36.50 11.31 7.16
CA LEU A 25 35.66 12.47 6.89
C LEU A 25 36.42 13.72 7.30
N ALA A 26 36.96 13.71 8.51
CA ALA A 26 37.72 14.83 9.03
C ALA A 26 38.81 15.21 8.03
N ALA A 27 39.41 14.19 7.43
CA ALA A 27 40.48 14.44 6.45
C ALA A 27 39.90 15.10 5.20
N LEU A 28 38.66 14.73 4.86
CA LEU A 28 37.96 15.29 3.70
C LEU A 28 37.66 16.77 3.91
N ARG A 29 37.30 17.11 5.14
CA ARG A 29 36.98 18.47 5.49
C ARG A 29 38.21 19.37 5.40
N GLN A 30 39.37 18.81 5.73
CA GLN A 30 40.61 19.60 5.67
C GLN A 30 41.04 19.85 4.23
N GLN A 31 40.57 19.01 3.32
CA GLN A 31 40.91 19.12 1.91
C GLN A 31 40.02 20.09 1.13
N GLY A 32 38.77 20.22 1.55
CA GLY A 32 37.89 21.12 0.84
C GLY A 32 36.49 20.87 1.31
N VAL A 33 35.56 20.80 0.36
CA VAL A 33 34.17 20.55 0.73
C VAL A 33 33.96 19.03 0.79
N ALA A 34 33.82 18.51 2.00
CA ALA A 34 33.62 17.08 2.20
C ALA A 34 32.37 16.60 1.47
N PHE A 35 31.35 17.45 1.40
CA PHE A 35 30.10 17.10 0.76
C PHE A 35 29.74 17.92 -0.47
N PRO A 36 30.31 17.57 -1.62
CA PRO A 36 30.01 18.31 -2.84
C PRO A 36 28.64 17.95 -3.43
N ASN A 37 28.15 18.79 -4.33
CA ASN A 37 26.90 18.54 -5.05
C ASN A 37 27.22 19.12 -6.40
N ASP A 38 27.91 18.36 -7.21
CA ASP A 38 28.37 18.82 -8.50
C ASP A 38 28.37 17.74 -9.59
N PHE A 39 28.57 16.48 -9.20
CA PHE A 39 28.59 15.37 -10.15
C PHE A 39 27.23 15.10 -10.75
N ARG A 40 27.18 14.85 -12.04
CA ARG A 40 25.90 14.57 -12.69
C ARG A 40 26.05 13.32 -13.55
N ARG A 41 25.06 12.44 -13.42
CA ARG A 41 25.05 11.19 -14.17
C ARG A 41 24.06 11.35 -15.30
N ASP A 42 24.13 10.45 -16.28
CA ASP A 42 23.21 10.51 -17.41
C ASP A 42 22.57 9.15 -17.67
N HIS A 43 22.81 8.19 -16.78
CA HIS A 43 22.26 6.85 -16.95
C HIS A 43 22.14 6.12 -15.62
N THR A 44 21.14 5.24 -15.52
CA THR A 44 21.01 4.45 -14.31
C THR A 44 21.27 3.04 -14.80
N SER A 45 21.73 2.17 -13.90
CA SER A 45 22.07 0.79 -14.24
C SER A 45 21.06 0.04 -15.12
N ASP A 46 19.79 0.10 -14.74
CA ASP A 46 18.73 -0.58 -15.49
C ASP A 46 18.63 -0.12 -16.94
N GLN A 47 18.98 1.13 -17.18
CA GLN A 47 18.95 1.70 -18.52
C GLN A 47 20.08 1.09 -19.32
N LEU A 48 21.27 1.07 -18.72
CA LEU A 48 22.43 0.51 -19.37
C LEU A 48 22.20 -0.96 -19.71
N HIS A 49 21.62 -1.69 -18.76
CA HIS A 49 21.34 -3.10 -18.97
C HIS A 49 20.30 -3.30 -20.07
N GLU A 50 19.11 -2.72 -19.91
CA GLU A 50 18.06 -2.86 -20.90
C GLU A 50 18.57 -2.59 -22.32
N GLU A 51 19.51 -1.66 -22.46
CA GLU A 51 20.02 -1.30 -23.77
C GLU A 51 21.28 -2.03 -24.27
N PHE A 52 22.20 -2.39 -23.37
CA PHE A 52 23.44 -3.04 -23.80
C PHE A 52 23.73 -4.45 -23.35
N ASP A 53 22.81 -5.07 -22.62
CA ASP A 53 23.02 -6.44 -22.14
C ASP A 53 23.09 -7.44 -23.30
N ALA A 54 22.47 -7.09 -24.43
CA ALA A 54 22.45 -7.98 -25.58
C ALA A 54 23.59 -7.77 -26.57
N LYS A 55 24.38 -6.72 -26.36
CA LYS A 55 25.49 -6.45 -27.27
C LYS A 55 26.75 -7.18 -26.81
N ASP A 56 27.51 -7.71 -27.77
CA ASP A 56 28.75 -8.41 -27.46
C ASP A 56 29.87 -7.37 -27.41
N ASN A 57 30.98 -7.73 -26.77
CA ASN A 57 32.10 -6.81 -26.63
C ASN A 57 32.62 -6.22 -27.93
N GLN A 58 32.48 -6.94 -29.04
CA GLN A 58 32.94 -6.44 -30.32
C GLN A 58 32.07 -5.23 -30.67
N GLU A 59 30.75 -5.39 -30.50
CA GLU A 59 29.80 -4.31 -30.79
C GLU A 59 30.08 -3.11 -29.92
N LEU A 60 30.14 -3.32 -28.61
CA LEU A 60 30.42 -2.25 -27.66
C LEU A 60 31.76 -1.58 -27.88
N GLU A 61 32.73 -2.31 -28.43
CA GLU A 61 34.05 -1.76 -28.68
C GLU A 61 33.96 -0.68 -29.75
N SER A 62 33.18 -0.98 -30.79
CA SER A 62 32.99 -0.05 -31.91
C SER A 62 32.11 1.14 -31.53
N LEU A 63 31.01 0.86 -30.82
CA LEU A 63 30.09 1.91 -30.38
C LEU A 63 30.81 2.90 -29.47
N ASN A 64 31.75 2.40 -28.67
CA ASN A 64 32.53 3.24 -27.76
C ASN A 64 31.68 4.25 -26.97
N ILE A 65 30.65 3.74 -26.32
CA ILE A 65 29.73 4.56 -25.53
C ILE A 65 30.23 5.00 -24.16
N GLU A 66 30.38 6.31 -23.95
CA GLU A 66 30.79 6.80 -22.63
C GLU A 66 29.54 7.20 -21.86
N VAL A 67 29.44 6.75 -20.61
CA VAL A 67 28.29 7.06 -19.78
C VAL A 67 28.75 7.57 -18.42
N SER A 68 27.80 8.07 -17.63
CA SER A 68 28.07 8.60 -16.30
C SER A 68 27.04 7.99 -15.36
N VAL A 69 27.49 7.42 -14.25
CA VAL A 69 26.58 6.81 -13.30
C VAL A 69 26.99 7.22 -11.89
N ALA A 70 26.12 6.94 -10.93
CA ALA A 70 26.43 7.28 -9.57
C ALA A 70 25.61 6.36 -8.69
N GLY A 71 26.16 6.03 -7.53
CA GLY A 71 25.42 5.15 -6.64
C GLY A 71 26.26 4.71 -5.45
N ARG A 72 25.75 3.74 -4.71
CA ARG A 72 26.43 3.24 -3.53
C ARG A 72 27.40 2.12 -3.87
N MET A 73 28.62 2.20 -3.34
CA MET A 73 29.62 1.15 -3.57
C MET A 73 29.20 -0.04 -2.68
N MET A 74 28.66 -1.08 -3.30
CA MET A 74 28.18 -2.26 -2.61
C MET A 74 29.30 -3.28 -2.37
N THR A 75 30.07 -3.57 -3.41
CA THR A 75 31.17 -4.52 -3.29
C THR A 75 32.38 -3.96 -4.01
N ARG A 76 33.56 -4.47 -3.65
CA ARG A 76 34.81 -4.03 -4.26
C ARG A 76 35.92 -5.08 -4.11
N ARG A 77 36.54 -5.43 -5.24
CA ARG A 77 37.63 -6.40 -5.25
C ARG A 77 38.86 -5.68 -5.83
N ILE A 78 39.74 -5.23 -4.95
CA ILE A 78 40.96 -4.54 -5.39
C ILE A 78 42.01 -5.60 -5.72
N MET A 79 42.55 -5.56 -6.92
CA MET A 79 43.56 -6.52 -7.35
C MET A 79 44.79 -5.79 -7.84
N GLY A 80 45.46 -5.08 -6.94
CA GLY A 80 46.63 -4.34 -7.32
C GLY A 80 46.28 -3.04 -8.03
N LYS A 81 46.78 -2.89 -9.25
CA LYS A 81 46.54 -1.70 -10.06
C LYS A 81 45.16 -1.64 -10.72
N ALA A 82 44.32 -2.63 -10.45
CA ALA A 82 42.97 -2.63 -11.03
C ALA A 82 41.99 -3.23 -10.03
N SER A 83 40.73 -2.83 -10.12
CA SER A 83 39.70 -3.32 -9.22
C SER A 83 38.38 -3.47 -9.94
N PHE A 84 37.45 -4.10 -9.25
CA PHE A 84 36.12 -4.32 -9.77
C PHE A 84 35.20 -3.83 -8.68
N VAL A 85 34.23 -3.00 -9.05
CA VAL A 85 33.30 -2.45 -8.08
C VAL A 85 31.86 -2.68 -8.51
N THR A 86 30.98 -2.88 -7.54
CA THR A 86 29.58 -3.05 -7.85
C THR A 86 28.93 -1.78 -7.32
N LEU A 87 28.24 -1.08 -8.21
CA LEU A 87 27.56 0.15 -7.85
C LEU A 87 26.08 -0.12 -7.83
N GLN A 88 25.40 0.33 -6.77
CA GLN A 88 23.97 0.17 -6.65
C GLN A 88 23.29 1.52 -6.74
N ASP A 89 22.36 1.66 -7.69
CA ASP A 89 21.64 2.91 -7.84
C ASP A 89 20.15 2.61 -7.84
N VAL A 90 19.33 3.61 -8.20
CA VAL A 90 17.89 3.43 -8.21
C VAL A 90 17.41 2.31 -9.13
N GLY A 91 18.16 2.04 -10.20
CA GLY A 91 17.76 1.00 -11.13
C GLY A 91 18.30 -0.42 -10.87
N GLY A 92 19.27 -0.54 -9.97
CA GLY A 92 19.86 -1.82 -9.67
C GLY A 92 21.37 -1.72 -9.55
N ARG A 93 22.10 -2.73 -10.02
CA ARG A 93 23.55 -2.71 -9.91
C ARG A 93 24.24 -2.74 -11.26
N ILE A 94 25.44 -2.17 -11.31
CA ILE A 94 26.27 -2.12 -12.50
C ILE A 94 27.72 -2.25 -12.04
N GLN A 95 28.53 -2.98 -12.81
CA GLN A 95 29.92 -3.16 -12.42
C GLN A 95 30.83 -2.10 -13.02
N LEU A 96 31.83 -1.69 -12.26
CA LEU A 96 32.79 -0.71 -12.73
C LEU A 96 34.17 -1.37 -12.75
N TYR A 97 34.97 -1.01 -13.76
CA TYR A 97 36.32 -1.52 -13.86
C TYR A 97 37.19 -0.31 -13.55
N VAL A 98 37.73 -0.25 -12.34
CA VAL A 98 38.54 0.86 -11.91
C VAL A 98 40.03 0.52 -12.02
N ALA A 99 40.74 1.20 -12.92
CA ALA A 99 42.15 0.94 -13.12
C ALA A 99 43.01 2.17 -12.85
N ARG A 100 44.13 1.97 -12.18
CA ARG A 100 45.03 3.07 -11.83
C ARG A 100 45.46 3.94 -13.02
N ASP A 101 45.71 3.32 -14.16
CA ASP A 101 46.17 4.06 -15.32
C ASP A 101 45.06 4.65 -16.20
N SER A 102 43.82 4.33 -15.89
CA SER A 102 42.69 4.85 -16.65
C SER A 102 42.21 6.15 -16.00
N LEU A 103 42.44 6.27 -14.69
CA LEU A 103 42.03 7.44 -13.92
C LEU A 103 43.17 8.46 -13.81
N PRO A 104 42.82 9.72 -13.52
CA PRO A 104 43.83 10.77 -13.38
C PRO A 104 44.85 10.43 -12.29
N GLU A 105 46.09 10.87 -12.49
CA GLU A 105 47.16 10.61 -11.55
C GLU A 105 46.79 10.72 -10.09
N GLY A 106 47.06 9.65 -9.33
CA GLY A 106 46.78 9.65 -7.91
C GLY A 106 45.38 9.34 -7.43
N VAL A 107 44.39 9.38 -8.30
CA VAL A 107 43.01 9.11 -7.89
C VAL A 107 42.84 7.70 -7.37
N TYR A 108 43.32 6.74 -8.16
CA TYR A 108 43.22 5.33 -7.82
C TYR A 108 43.86 5.01 -6.46
N ASN A 109 45.10 5.43 -6.27
CA ASN A 109 45.81 5.17 -5.03
C ASN A 109 45.53 6.11 -3.86
N ASP A 110 45.52 7.42 -4.11
CA ASP A 110 45.28 8.39 -3.04
C ASP A 110 43.83 8.58 -2.63
N GLN A 111 42.90 8.23 -3.51
CA GLN A 111 41.50 8.40 -3.20
C GLN A 111 40.70 7.11 -3.20
N PHE A 112 40.51 6.54 -4.38
CA PHE A 112 39.75 5.32 -4.53
C PHE A 112 40.00 4.25 -3.47
N LYS A 113 41.26 3.87 -3.31
CA LYS A 113 41.61 2.83 -2.34
C LYS A 113 41.32 3.23 -0.88
N LYS A 114 41.12 4.51 -0.62
CA LYS A 114 40.85 4.94 0.74
C LYS A 114 39.36 5.00 1.03
N TRP A 115 38.56 4.72 0.01
CA TRP A 115 37.10 4.76 0.19
C TRP A 115 36.61 3.51 0.88
N ASP A 116 35.34 3.50 1.23
CA ASP A 116 34.74 2.38 1.93
C ASP A 116 33.43 1.96 1.31
N LEU A 117 33.03 0.72 1.55
CA LEU A 117 31.77 0.23 1.04
C LEU A 117 30.69 1.08 1.68
N GLY A 118 29.65 1.38 0.93
CA GLY A 118 28.59 2.22 1.48
C GLY A 118 28.74 3.64 0.96
N ASP A 119 29.97 4.07 0.69
CA ASP A 119 30.24 5.40 0.18
C ASP A 119 29.50 5.59 -1.15
N ILE A 120 28.98 6.80 -1.37
CA ILE A 120 28.27 7.12 -2.61
C ILE A 120 29.32 7.62 -3.58
N ILE A 121 29.38 7.03 -4.76
CA ILE A 121 30.40 7.44 -5.72
C ILE A 121 29.81 7.68 -7.09
N GLY A 122 30.54 8.46 -7.88
CA GLY A 122 30.14 8.78 -9.23
C GLY A 122 31.26 8.34 -10.14
N ALA A 123 30.90 7.77 -11.29
CA ALA A 123 31.87 7.29 -12.26
C ALA A 123 31.46 7.62 -13.68
N ARG A 124 32.45 7.91 -14.51
CA ARG A 124 32.23 8.19 -15.92
C ARG A 124 33.21 7.29 -16.70
N GLY A 125 32.72 6.59 -17.70
CA GLY A 125 33.60 5.73 -18.45
C GLY A 125 32.93 5.03 -19.61
N THR A 126 33.71 4.22 -20.33
CA THR A 126 33.23 3.50 -21.50
C THR A 126 32.65 2.12 -21.20
N LEU A 127 31.58 1.77 -21.88
CA LEU A 127 30.94 0.48 -21.67
C LEU A 127 31.72 -0.62 -22.40
N PHE A 128 31.63 -1.83 -21.85
CA PHE A 128 32.28 -3.02 -22.40
C PHE A 128 31.80 -4.21 -21.58
N LYS A 129 32.21 -5.41 -21.97
CA LYS A 129 31.80 -6.60 -21.23
C LYS A 129 33.01 -7.38 -20.75
N THR A 130 32.94 -7.86 -19.53
CA THR A 130 34.04 -8.64 -18.94
C THR A 130 34.12 -10.03 -19.58
N GLN A 131 35.25 -10.72 -19.40
CA GLN A 131 35.39 -12.07 -19.93
C GLN A 131 34.19 -12.87 -19.42
N THR A 132 33.67 -12.42 -18.28
CA THR A 132 32.50 -13.01 -17.61
C THR A 132 31.19 -12.74 -18.37
N GLY A 133 31.22 -11.81 -19.31
CA GLY A 133 30.03 -11.46 -20.07
C GLY A 133 29.13 -10.42 -19.40
N GLU A 134 29.57 -9.88 -18.27
CA GLU A 134 28.80 -8.89 -17.54
C GLU A 134 29.08 -7.48 -18.06
N LEU A 135 28.04 -6.66 -18.16
CA LEU A 135 28.18 -5.29 -18.64
C LEU A 135 28.94 -4.49 -17.59
N SER A 136 29.97 -3.79 -18.02
CA SER A 136 30.77 -3.04 -17.08
C SER A 136 31.23 -1.70 -17.67
N ILE A 137 31.67 -0.79 -16.80
CA ILE A 137 32.11 0.52 -17.21
C ILE A 137 33.60 0.74 -16.95
N HIS A 138 34.36 1.01 -18.00
CA HIS A 138 35.78 1.27 -17.85
C HIS A 138 35.93 2.74 -17.45
N CYS A 139 36.07 2.99 -16.16
CA CYS A 139 36.19 4.33 -15.63
C CYS A 139 37.37 5.18 -16.03
N THR A 140 37.07 6.41 -16.46
CA THR A 140 38.09 7.39 -16.82
C THR A 140 38.00 8.51 -15.79
N GLU A 141 36.92 8.50 -15.01
CA GLU A 141 36.74 9.47 -13.95
C GLU A 141 35.99 8.79 -12.82
N LEU A 142 36.42 9.04 -11.59
CA LEU A 142 35.77 8.43 -10.43
C LEU A 142 35.83 9.42 -9.26
N ARG A 143 34.70 9.62 -8.58
CA ARG A 143 34.65 10.57 -7.46
C ARG A 143 33.88 10.06 -6.25
N LEU A 144 34.24 10.59 -5.08
CA LEU A 144 33.55 10.25 -3.86
C LEU A 144 32.56 11.41 -3.65
N LEU A 145 31.26 11.11 -3.73
CA LEU A 145 30.21 12.11 -3.56
C LEU A 145 29.81 12.24 -2.10
N THR A 146 29.57 11.11 -1.44
CA THR A 146 29.17 11.13 -0.03
C THR A 146 29.88 10.04 0.74
N LYS A 147 30.52 10.41 1.84
CA LYS A 147 31.21 9.47 2.70
C LYS A 147 30.15 8.85 3.62
N ALA A 148 30.16 7.52 3.72
CA ALA A 148 29.23 6.82 4.59
C ALA A 148 29.96 6.70 5.92
N LEU A 149 29.35 7.22 6.97
CA LEU A 149 29.96 7.18 8.29
C LEU A 149 29.65 5.85 8.98
N ARG A 150 28.74 5.10 8.40
CA ARG A 150 28.38 3.80 8.96
C ARG A 150 28.52 2.73 7.88
N PRO A 151 29.01 1.54 8.25
CA PRO A 151 29.18 0.45 7.28
C PRO A 151 27.85 -0.03 6.71
N LEU A 152 27.90 -0.68 5.56
CA LEU A 152 26.69 -1.19 4.94
C LEU A 152 25.98 -2.08 5.96
N PRO A 153 24.64 -2.11 5.92
CA PRO A 153 23.91 -2.93 6.88
C PRO A 153 24.19 -4.44 6.76
N ASP A 161 14.80 -8.34 15.80
CA ASP A 161 13.99 -9.15 14.90
C ASP A 161 13.84 -8.48 13.54
N GLN A 162 12.73 -8.73 12.86
CA GLN A 162 12.45 -8.15 11.55
C GLN A 162 11.88 -6.73 11.70
N GLU A 163 11.66 -6.32 12.94
CA GLU A 163 11.13 -4.98 13.22
C GLU A 163 12.20 -3.94 12.94
N VAL A 164 13.43 -4.40 12.75
CA VAL A 164 14.53 -3.50 12.46
C VAL A 164 14.35 -2.99 11.05
N ARG A 165 13.85 -3.86 10.18
CA ARG A 165 13.60 -3.52 8.79
C ARG A 165 12.57 -2.41 8.73
N TYR A 166 11.69 -2.36 9.73
CA TYR A 166 10.65 -1.37 9.80
C TYR A 166 11.11 -0.12 10.54
N ARG A 167 12.03 -0.28 11.49
CA ARG A 167 12.53 0.85 12.26
C ARG A 167 13.60 1.63 11.50
N GLN A 168 14.13 1.02 10.45
CA GLN A 168 15.15 1.66 9.62
C GLN A 168 14.99 1.12 8.21
N ARG A 169 13.84 1.44 7.62
CA ARG A 169 13.52 0.99 6.28
C ARG A 169 14.60 1.31 5.25
N TYR A 170 15.39 2.36 5.48
CA TYR A 170 16.45 2.68 4.51
C TYR A 170 17.46 1.56 4.46
N LEU A 171 17.76 0.97 5.61
CA LEU A 171 18.70 -0.15 5.67
C LEU A 171 18.05 -1.36 5.00
N ASP A 172 16.78 -1.57 5.29
CA ASP A 172 16.09 -2.68 4.64
C ASP A 172 16.15 -2.51 3.12
N LEU A 173 15.97 -1.28 2.64
CA LEU A 173 15.98 -1.01 1.21
C LEU A 173 17.36 -1.12 0.60
N ILE A 174 18.40 -0.74 1.34
CA ILE A 174 19.76 -0.84 0.82
C ILE A 174 20.17 -2.31 0.71
N ALA A 175 19.88 -3.07 1.77
CA ALA A 175 20.25 -4.47 1.85
C ALA A 175 19.45 -5.46 1.01
N ASN A 176 18.13 -5.40 1.07
CA ASN A 176 17.30 -6.38 0.34
C ASN A 176 16.60 -5.97 -0.95
N ASP A 177 17.05 -6.57 -2.04
CA ASP A 177 16.48 -6.32 -3.36
C ASP A 177 15.00 -6.62 -3.37
N LYS A 178 14.58 -7.63 -2.61
CA LYS A 178 13.16 -8.00 -2.56
C LYS A 178 12.29 -6.93 -1.91
N SER A 179 12.81 -6.20 -0.93
CA SER A 179 12.03 -5.14 -0.30
C SER A 179 11.85 -4.02 -1.34
N ARG A 180 12.94 -3.62 -1.98
CA ARG A 180 12.89 -2.58 -2.98
C ARG A 180 11.85 -2.93 -4.05
N GLN A 181 11.89 -4.15 -4.56
CA GLN A 181 10.95 -4.53 -5.59
C GLN A 181 9.51 -4.49 -5.11
N THR A 182 9.28 -4.78 -3.84
CA THR A 182 7.95 -4.77 -3.29
C THR A 182 7.35 -3.36 -3.41
N PHE A 183 8.16 -2.36 -3.06
CA PHE A 183 7.72 -0.98 -3.09
C PHE A 183 7.63 -0.43 -4.50
N VAL A 184 8.44 -0.94 -5.41
CA VAL A 184 8.38 -0.48 -6.77
C VAL A 184 7.11 -1.03 -7.39
N VAL A 185 6.69 -2.21 -6.96
CA VAL A 185 5.48 -2.81 -7.49
C VAL A 185 4.28 -2.07 -6.93
N ARG A 186 4.39 -1.59 -5.69
CA ARG A 186 3.31 -0.84 -5.07
C ARG A 186 3.04 0.41 -5.92
N SER A 187 4.10 1.10 -6.31
CA SER A 187 4.00 2.30 -7.14
C SER A 187 3.42 1.96 -8.49
N LYS A 188 3.89 0.87 -9.09
CA LYS A 188 3.39 0.46 -10.40
C LYS A 188 1.91 0.17 -10.31
N ILE A 189 1.49 -0.39 -9.18
CA ILE A 189 0.10 -0.74 -8.98
C ILE A 189 -0.79 0.49 -8.84
N LEU A 190 -0.35 1.47 -8.03
CA LEU A 190 -1.14 2.68 -7.88
C LEU A 190 -1.24 3.43 -9.19
N ALA A 191 -0.16 3.46 -9.96
CA ALA A 191 -0.18 4.13 -11.25
C ALA A 191 -1.15 3.43 -12.19
N ALA A 192 -1.16 2.10 -12.15
CA ALA A 192 -2.04 1.31 -13.00
C ALA A 192 -3.51 1.47 -12.59
N ILE A 193 -3.74 1.68 -11.30
CA ILE A 193 -5.11 1.86 -10.81
C ILE A 193 -5.65 3.19 -11.37
N ARG A 194 -4.82 4.23 -11.30
CA ARG A 194 -5.21 5.54 -11.79
C ARG A 194 -5.48 5.48 -13.28
N GLN A 195 -4.57 4.85 -14.03
CA GLN A 195 -4.74 4.71 -15.46
C GLN A 195 -6.02 3.93 -15.73
N PHE A 196 -6.30 2.93 -14.90
CA PHE A 196 -7.50 2.12 -15.08
C PHE A 196 -8.76 2.94 -14.82
N MET A 197 -8.75 3.71 -13.74
CA MET A 197 -9.88 4.55 -13.37
C MET A 197 -10.13 5.65 -14.38
N VAL A 198 -9.07 6.37 -14.74
CA VAL A 198 -9.20 7.45 -15.69
C VAL A 198 -9.71 6.97 -17.05
N ALA A 199 -9.27 5.80 -17.50
CA ALA A 199 -9.71 5.27 -18.80
C ALA A 199 -11.22 5.01 -18.76
N ARG A 200 -11.77 4.91 -17.56
CA ARG A 200 -13.20 4.67 -17.41
C ARG A 200 -13.96 5.95 -17.06
N GLY A 201 -13.34 7.10 -17.32
CA GLY A 201 -14.00 8.36 -17.07
C GLY A 201 -14.15 8.77 -15.63
N PHE A 202 -13.27 8.29 -14.76
CA PHE A 202 -13.35 8.66 -13.36
C PHE A 202 -12.39 9.83 -13.17
N MET A 203 -12.73 10.72 -12.25
CA MET A 203 -11.89 11.88 -11.98
C MET A 203 -11.45 11.82 -10.52
N GLU A 204 -10.16 11.99 -10.29
CA GLU A 204 -9.65 11.94 -8.92
C GLU A 204 -9.81 13.28 -8.21
N VAL A 205 -10.44 13.23 -7.04
CA VAL A 205 -10.66 14.44 -6.25
C VAL A 205 -9.95 14.34 -4.91
N GLU A 206 -10.06 15.39 -4.11
CA GLU A 206 -9.41 15.43 -2.81
C GLU A 206 -10.34 16.06 -1.81
N THR A 207 -10.74 15.28 -0.80
CA THR A 207 -11.64 15.78 0.22
C THR A 207 -10.88 15.96 1.53
N PRO A 208 -11.50 16.57 2.55
CA PRO A 208 -10.78 16.77 3.82
C PRO A 208 -10.36 15.57 4.63
N MET A 209 -9.20 15.69 5.27
CA MET A 209 -8.68 14.64 6.13
C MET A 209 -8.95 15.06 7.56
N MET A 210 -9.36 16.32 7.73
CA MET A 210 -9.70 16.86 9.02
C MET A 210 -11.19 17.14 8.91
N GLN A 211 -11.97 16.58 9.83
CA GLN A 211 -13.41 16.74 9.81
C GLN A 211 -13.98 17.06 11.18
N VAL A 212 -15.01 17.90 11.19
CA VAL A 212 -15.67 18.29 12.42
C VAL A 212 -16.57 17.15 12.85
N ILE A 213 -17.13 16.47 11.87
CA ILE A 213 -17.99 15.33 12.12
C ILE A 213 -17.48 14.15 11.30
N PRO A 214 -16.80 13.18 11.95
CA PRO A 214 -16.29 12.03 11.20
C PRO A 214 -17.40 11.04 10.85
N GLY A 215 -17.29 10.39 9.70
CA GLY A 215 -18.32 9.45 9.29
C GLY A 215 -17.88 8.66 8.08
N GLY A 216 -18.80 7.90 7.49
CA GLY A 216 -18.49 7.09 6.33
C GLY A 216 -18.00 5.70 6.70
N ALA A 217 -17.92 5.43 7.99
CA ALA A 217 -17.45 4.14 8.48
C ALA A 217 -17.63 4.11 9.99
N SER A 218 -17.36 2.96 10.60
CA SER A 218 -17.47 2.83 12.05
C SER A 218 -16.11 2.48 12.59
N ALA A 219 -15.54 3.39 13.38
CA ALA A 219 -14.22 3.19 13.96
C ALA A 219 -13.94 4.25 15.01
N ARG A 220 -13.00 3.98 15.90
CA ARG A 220 -12.62 4.94 16.92
C ARG A 220 -11.74 5.91 16.13
N PRO A 221 -12.04 7.21 16.17
CA PRO A 221 -11.23 8.18 15.42
C PRO A 221 -10.15 8.85 16.26
N PHE A 222 -9.22 9.50 15.57
CA PHE A 222 -8.17 10.26 16.22
C PHE A 222 -8.77 11.66 16.36
N ILE A 223 -8.58 12.29 17.50
CA ILE A 223 -9.12 13.62 17.72
C ILE A 223 -7.97 14.58 17.89
N THR A 224 -8.14 15.81 17.39
CA THR A 224 -7.10 16.82 17.51
C THR A 224 -7.75 18.17 17.75
N HIS A 225 -6.96 19.19 17.98
CA HIS A 225 -7.51 20.51 18.25
C HIS A 225 -6.96 21.59 17.33
N HIS A 226 -7.85 22.32 16.66
CA HIS A 226 -7.45 23.41 15.79
C HIS A 226 -7.42 24.64 16.67
N ASN A 227 -6.23 25.17 16.93
CA ASN A 227 -6.06 26.35 17.79
C ASN A 227 -6.79 27.59 17.31
N ALA A 228 -6.53 27.99 16.07
CA ALA A 228 -7.13 29.18 15.48
C ALA A 228 -8.64 29.27 15.72
N LEU A 229 -9.35 28.15 15.55
CA LEU A 229 -10.80 28.14 15.75
C LEU A 229 -11.26 27.54 17.07
N ASP A 230 -10.33 27.32 17.99
CA ASP A 230 -10.65 26.72 19.30
C ASP A 230 -11.68 25.63 19.04
N LEU A 231 -11.39 24.81 18.06
CA LEU A 231 -12.29 23.75 17.65
C LEU A 231 -11.65 22.37 17.70
N ASP A 232 -12.45 21.38 18.08
CA ASP A 232 -11.96 20.00 18.13
C ASP A 232 -12.24 19.39 16.76
N MET A 233 -11.20 18.79 16.19
CA MET A 233 -11.29 18.18 14.86
C MET A 233 -11.02 16.68 14.94
N TYR A 234 -11.39 15.97 13.89
CA TYR A 234 -11.18 14.53 13.83
C TYR A 234 -10.42 14.16 12.56
N LEU A 235 -9.49 13.21 12.65
CA LEU A 235 -8.81 12.76 11.45
C LEU A 235 -9.87 11.88 10.80
N ARG A 236 -10.02 11.94 9.48
CA ARG A 236 -11.06 11.17 8.83
C ARG A 236 -10.86 9.66 8.88
N ILE A 237 -11.97 8.94 9.03
CA ILE A 237 -11.93 7.49 9.05
C ILE A 237 -12.35 7.01 7.65
N ALA A 238 -12.98 7.91 6.89
CA ALA A 238 -13.42 7.61 5.53
C ALA A 238 -13.88 8.88 4.83
N PRO A 239 -13.63 9.00 3.52
CA PRO A 239 -14.04 10.18 2.74
C PRO A 239 -15.44 10.07 2.16
N GLU A 240 -16.10 8.92 2.38
CA GLU A 240 -17.42 8.67 1.84
C GLU A 240 -18.45 9.81 1.78
N LEU A 241 -18.77 10.39 2.93
CA LEU A 241 -19.77 11.46 2.99
C LEU A 241 -19.47 12.65 2.10
N TYR A 242 -18.18 12.97 1.95
CA TYR A 242 -17.78 14.09 1.10
C TYR A 242 -17.78 13.71 -0.38
N LEU A 243 -17.40 12.49 -0.69
CA LEU A 243 -17.38 12.06 -2.09
C LEU A 243 -18.78 12.00 -2.67
N LYS A 244 -19.74 11.58 -1.85
CA LYS A 244 -21.10 11.52 -2.36
C LYS A 244 -21.69 12.91 -2.52
N ARG A 245 -21.20 13.88 -1.74
CA ARG A 245 -21.68 15.25 -1.87
C ARG A 245 -21.23 15.72 -3.25
N LEU A 246 -20.06 15.28 -3.68
CA LEU A 246 -19.54 15.66 -5.01
C LEU A 246 -20.37 15.03 -6.09
N VAL A 247 -20.96 13.87 -5.83
CA VAL A 247 -21.80 13.21 -6.82
C VAL A 247 -23.09 14.02 -6.98
N VAL A 248 -23.60 14.55 -5.86
CA VAL A 248 -24.80 15.37 -5.86
C VAL A 248 -24.48 16.62 -6.69
N GLY A 249 -23.29 17.18 -6.45
CA GLY A 249 -22.84 18.35 -7.17
C GLY A 249 -22.66 18.12 -8.65
N GLY A 250 -22.58 16.87 -9.09
CA GLY A 250 -22.41 16.61 -10.51
C GLY A 250 -21.23 15.79 -10.97
N PHE A 251 -20.23 15.59 -10.11
CA PHE A 251 -19.07 14.76 -10.48
C PHE A 251 -19.53 13.32 -10.27
N GLU A 252 -20.17 12.77 -11.29
CA GLU A 252 -20.77 11.44 -11.25
C GLU A 252 -19.85 10.22 -11.25
N ARG A 253 -18.57 10.42 -11.53
CA ARG A 253 -17.57 9.36 -11.57
C ARG A 253 -16.30 9.88 -10.92
N VAL A 254 -16.26 9.84 -9.59
CA VAL A 254 -15.10 10.33 -8.84
C VAL A 254 -14.44 9.21 -8.05
N PHE A 255 -13.20 9.44 -7.64
CA PHE A 255 -12.48 8.49 -6.81
C PHE A 255 -11.39 9.25 -6.07
N GLU A 256 -10.97 8.71 -4.94
CA GLU A 256 -9.94 9.35 -4.17
C GLU A 256 -9.07 8.19 -3.68
N ILE A 257 -7.76 8.41 -3.66
CA ILE A 257 -6.84 7.40 -3.17
C ILE A 257 -6.02 8.12 -2.12
N ASN A 258 -6.29 7.85 -0.85
CA ASN A 258 -5.56 8.51 0.22
C ASN A 258 -5.74 7.84 1.58
N ARG A 259 -5.05 8.34 2.61
CA ARG A 259 -5.15 7.74 3.94
C ARG A 259 -6.46 7.94 4.64
N ASN A 260 -6.68 7.02 5.57
CA ASN A 260 -7.80 7.01 6.47
C ASN A 260 -7.06 6.79 7.77
N PHE A 261 -7.64 7.24 8.87
CA PHE A 261 -6.98 7.07 10.14
C PHE A 261 -7.96 6.45 11.10
N ARG A 262 -7.57 5.33 11.71
CA ARG A 262 -8.46 4.68 12.65
C ARG A 262 -7.67 4.40 13.92
N ASN A 263 -8.20 4.93 15.02
CA ASN A 263 -7.56 4.79 16.33
C ASN A 263 -7.74 3.38 16.89
N GLU A 264 -7.22 2.41 16.15
CA GLU A 264 -7.28 1.01 16.56
C GLU A 264 -5.86 0.47 16.68
N GLY A 265 -5.75 -0.77 17.18
CA GLY A 265 -4.44 -1.37 17.35
C GLY A 265 -3.78 -1.90 16.10
N ILE A 266 -2.47 -2.12 16.21
CA ILE A 266 -1.66 -2.64 15.11
C ILE A 266 -1.84 -4.16 14.96
N SER A 267 -1.79 -4.63 13.72
CA SER A 267 -1.95 -6.05 13.45
C SER A 267 -1.22 -6.40 12.16
N VAL A 268 -1.35 -7.65 11.74
CA VAL A 268 -0.71 -8.11 10.53
C VAL A 268 -1.50 -7.61 9.31
N ARG A 269 -2.69 -7.08 9.57
CA ARG A 269 -3.53 -6.54 8.50
C ARG A 269 -4.09 -5.16 8.88
N HIS A 270 -3.54 -4.55 9.93
CA HIS A 270 -3.97 -3.24 10.44
C HIS A 270 -2.87 -2.23 10.73
N ASN A 271 -2.95 -1.06 10.09
CA ASN A 271 -2.02 0.03 10.40
C ASN A 271 -2.99 1.13 10.81
N PRO A 272 -2.66 1.93 11.83
CA PRO A 272 -3.61 2.98 12.25
C PRO A 272 -3.93 4.00 11.15
N GLU A 273 -3.03 4.13 10.19
CA GLU A 273 -3.25 5.00 9.06
C GLU A 273 -2.99 4.12 7.83
N PHE A 274 -3.95 4.05 6.93
CA PHE A 274 -3.78 3.20 5.76
C PHE A 274 -4.30 3.89 4.52
N THR A 275 -3.91 3.38 3.36
CA THR A 275 -4.36 3.97 2.11
C THR A 275 -5.59 3.26 1.60
N MET A 276 -6.57 4.05 1.18
CA MET A 276 -7.80 3.49 0.66
C MET A 276 -8.21 4.19 -0.62
N MET A 277 -8.82 3.44 -1.52
CA MET A 277 -9.34 4.04 -2.73
C MET A 277 -10.85 3.96 -2.64
N GLU A 278 -11.54 5.10 -2.72
CA GLU A 278 -12.99 5.09 -2.69
C GLU A 278 -13.41 5.63 -4.05
N LEU A 279 -14.35 4.97 -4.70
CA LEU A 279 -14.81 5.42 -6.00
C LEU A 279 -16.32 5.40 -6.01
N TYR A 280 -16.91 6.27 -6.82
CA TYR A 280 -18.36 6.36 -6.92
C TYR A 280 -18.74 6.57 -8.36
N MET A 281 -19.73 5.82 -8.82
CA MET A 281 -20.22 5.96 -10.18
C MET A 281 -21.74 6.00 -10.14
N ALA A 282 -22.32 7.09 -10.64
CA ALA A 282 -23.76 7.22 -10.65
C ALA A 282 -24.37 6.35 -11.72
N TYR A 283 -25.63 5.99 -11.55
CA TYR A 283 -26.35 5.17 -12.51
C TYR A 283 -25.71 3.78 -12.62
N ALA A 284 -25.36 3.24 -11.45
CA ALA A 284 -24.75 1.93 -11.32
C ALA A 284 -25.16 1.36 -9.95
N ASP A 285 -25.14 0.03 -9.84
CA ASP A 285 -25.46 -0.62 -8.56
C ASP A 285 -24.28 -1.47 -8.14
N TYR A 286 -24.37 -2.17 -7.01
CA TYR A 286 -23.26 -2.98 -6.55
C TYR A 286 -22.77 -4.02 -7.55
N HIS A 287 -23.66 -4.51 -8.42
CA HIS A 287 -23.26 -5.49 -9.43
C HIS A 287 -22.19 -4.90 -10.33
N ASP A 288 -22.36 -3.63 -10.66
CA ASP A 288 -21.40 -2.93 -11.53
C ASP A 288 -20.06 -2.81 -10.81
N LEU A 289 -20.10 -2.81 -9.48
CA LEU A 289 -18.87 -2.71 -8.69
C LEU A 289 -18.17 -4.07 -8.69
N ILE A 290 -18.97 -5.14 -8.73
CA ILE A 290 -18.44 -6.50 -8.74
C ILE A 290 -17.64 -6.70 -10.04
N GLU A 291 -18.19 -6.27 -11.17
CA GLU A 291 -17.49 -6.41 -12.44
C GLU A 291 -16.25 -5.51 -12.48
N LEU A 292 -16.38 -4.28 -11.95
CA LEU A 292 -15.26 -3.35 -11.94
C LEU A 292 -14.13 -3.94 -11.10
N THR A 293 -14.47 -4.48 -9.94
CA THR A 293 -13.47 -5.07 -9.07
C THR A 293 -12.75 -6.24 -9.74
N GLU A 294 -13.52 -7.15 -10.35
CA GLU A 294 -12.92 -8.29 -11.03
C GLU A 294 -12.03 -7.79 -12.16
N SER A 295 -12.54 -6.84 -12.92
CA SER A 295 -11.78 -6.30 -14.03
C SER A 295 -10.50 -5.60 -13.57
N LEU A 296 -10.56 -4.95 -12.42
CA LEU A 296 -9.40 -4.24 -11.90
C LEU A 296 -8.28 -5.18 -11.49
N PHE A 297 -8.63 -6.28 -10.84
CA PHE A 297 -7.64 -7.26 -10.40
C PHE A 297 -7.00 -8.00 -11.58
N ARG A 298 -7.84 -8.40 -12.54
CA ARG A 298 -7.34 -9.08 -13.70
C ARG A 298 -6.37 -8.17 -14.45
N THR A 299 -6.72 -6.89 -14.52
CA THR A 299 -5.89 -5.90 -15.20
C THR A 299 -4.58 -5.66 -14.49
N LEU A 300 -4.64 -5.48 -13.17
CA LEU A 300 -3.44 -5.26 -12.38
C LEU A 300 -2.48 -6.43 -12.48
N ALA A 301 -3.02 -7.66 -12.34
CA ALA A 301 -2.22 -8.87 -12.42
C ALA A 301 -1.56 -8.94 -13.79
N GLN A 302 -2.38 -8.94 -14.82
CA GLN A 302 -1.85 -9.01 -16.17
C GLN A 302 -0.86 -7.89 -16.49
N GLU A 303 -1.27 -6.65 -16.24
CA GLU A 303 -0.42 -5.51 -16.54
C GLU A 303 0.81 -5.37 -15.67
N VAL A 304 0.70 -5.66 -14.38
CA VAL A 304 1.85 -5.52 -13.50
C VAL A 304 2.69 -6.77 -13.32
N LEU A 305 2.05 -7.92 -13.21
CA LEU A 305 2.79 -9.17 -13.01
C LEU A 305 2.95 -10.06 -14.23
N GLY A 306 2.43 -9.62 -15.38
CA GLY A 306 2.56 -10.40 -16.60
C GLY A 306 1.64 -11.61 -16.73
N THR A 307 0.90 -11.94 -15.68
CA THR A 307 -0.01 -13.09 -15.74
C THR A 307 -1.19 -12.88 -14.80
N THR A 308 -2.29 -13.60 -15.05
CA THR A 308 -3.47 -13.48 -14.19
C THR A 308 -3.44 -14.47 -13.04
N LYS A 309 -2.49 -15.41 -13.07
CA LYS A 309 -2.36 -16.42 -12.02
C LYS A 309 -1.29 -15.91 -11.06
N VAL A 310 -1.71 -15.60 -9.84
CA VAL A 310 -0.82 -15.03 -8.83
C VAL A 310 -0.54 -15.94 -7.65
N THR A 311 0.73 -16.11 -7.33
CA THR A 311 1.12 -16.95 -6.21
C THR A 311 1.17 -16.15 -4.93
N TYR A 312 0.45 -16.62 -3.93
CA TYR A 312 0.42 -15.95 -2.64
C TYR A 312 0.53 -17.02 -1.56
N GLY A 313 1.72 -17.13 -0.97
CA GLY A 313 1.96 -18.13 0.05
C GLY A 313 1.81 -19.50 -0.60
N GLU A 314 0.98 -20.35 0.00
CA GLU A 314 0.76 -21.69 -0.53
C GLU A 314 -0.30 -21.73 -1.62
N HIS A 315 -0.95 -20.60 -1.88
CA HIS A 315 -2.00 -20.58 -2.90
C HIS A 315 -1.71 -19.85 -4.18
N VAL A 316 -2.64 -20.02 -5.12
CA VAL A 316 -2.57 -19.36 -6.40
C VAL A 316 -3.94 -18.81 -6.70
N PHE A 317 -4.01 -17.51 -6.96
CA PHE A 317 -5.28 -16.88 -7.27
C PHE A 317 -5.29 -16.69 -8.78
N ASP A 318 -6.37 -17.07 -9.44
CA ASP A 318 -6.46 -16.86 -10.88
C ASP A 318 -7.41 -15.68 -11.06
N PHE A 319 -6.85 -14.51 -11.34
CA PHE A 319 -7.67 -13.33 -11.52
C PHE A 319 -8.28 -13.26 -12.89
N GLY A 320 -8.12 -14.35 -13.62
CA GLY A 320 -8.70 -14.46 -14.95
C GLY A 320 -10.04 -15.16 -14.79
N LYS A 321 -10.33 -15.63 -13.59
CA LYS A 321 -11.58 -16.33 -13.33
C LYS A 321 -12.46 -15.52 -12.37
N PRO A 322 -13.79 -15.61 -12.52
CA PRO A 322 -14.73 -14.88 -11.65
C PRO A 322 -14.50 -15.18 -10.19
N PHE A 323 -14.76 -14.20 -9.33
CA PHE A 323 -14.61 -14.41 -7.89
C PHE A 323 -15.78 -15.29 -7.47
N GLU A 324 -15.71 -15.82 -6.26
CA GLU A 324 -16.80 -16.63 -5.73
C GLU A 324 -17.76 -15.63 -5.11
N LYS A 325 -19.04 -15.99 -5.02
CA LYS A 325 -20.06 -15.12 -4.44
C LYS A 325 -20.89 -15.91 -3.45
N LEU A 326 -20.96 -15.41 -2.22
CA LEU A 326 -21.74 -16.08 -1.18
C LEU A 326 -22.44 -15.02 -0.38
N THR A 327 -23.58 -15.37 0.20
CA THR A 327 -24.27 -14.41 1.04
C THR A 327 -23.60 -14.59 2.41
N MET A 328 -23.73 -13.61 3.27
CA MET A 328 -23.11 -13.69 4.58
C MET A 328 -23.56 -14.96 5.31
N ARG A 329 -24.83 -15.33 5.17
CA ARG A 329 -25.33 -16.52 5.85
C ARG A 329 -24.80 -17.82 5.24
N GLU A 330 -24.67 -17.86 3.92
CA GLU A 330 -24.15 -19.04 3.26
C GLU A 330 -22.69 -19.25 3.70
N ALA A 331 -21.98 -18.15 3.94
CA ALA A 331 -20.59 -18.22 4.35
C ALA A 331 -20.47 -18.77 5.77
N ILE A 332 -21.41 -18.40 6.64
CA ILE A 332 -21.39 -18.87 8.02
C ILE A 332 -21.69 -20.38 8.03
N LYS A 333 -22.69 -20.78 7.26
CA LYS A 333 -23.10 -22.17 7.16
C LYS A 333 -22.00 -23.04 6.56
N LYS A 334 -21.30 -22.50 5.59
CA LYS A 334 -20.25 -23.26 4.91
C LYS A 334 -19.02 -23.46 5.77
N TYR A 335 -18.70 -22.50 6.62
CA TYR A 335 -17.51 -22.61 7.45
C TYR A 335 -17.74 -23.01 8.90
N ARG A 336 -19.01 -23.26 9.24
CA ARG A 336 -19.41 -23.76 10.55
C ARG A 336 -20.71 -24.49 10.23
N PRO A 337 -20.63 -25.61 9.48
CA PRO A 337 -21.75 -26.44 9.05
C PRO A 337 -22.68 -26.95 10.15
N GLU A 338 -22.15 -27.05 11.35
CA GLU A 338 -22.93 -27.55 12.48
C GLU A 338 -23.95 -26.52 12.97
N THR A 339 -23.82 -25.29 12.49
CA THR A 339 -24.72 -24.21 12.91
C THR A 339 -26.17 -24.40 12.47
N ASP A 340 -27.08 -24.24 13.42
CA ASP A 340 -28.52 -24.33 13.12
C ASP A 340 -28.83 -22.91 12.65
N MET A 341 -28.96 -22.75 11.33
CA MET A 341 -29.21 -21.43 10.74
C MET A 341 -30.40 -20.67 11.30
N ALA A 342 -31.41 -21.38 11.79
CA ALA A 342 -32.57 -20.71 12.36
C ALA A 342 -32.15 -19.85 13.55
N ASP A 343 -30.99 -20.15 14.10
CA ASP A 343 -30.47 -19.41 15.24
C ASP A 343 -30.22 -17.96 14.88
N LEU A 344 -29.79 -17.73 13.65
CA LEU A 344 -29.49 -16.39 13.19
C LEU A 344 -30.73 -15.51 12.98
N ASP A 345 -31.90 -16.13 12.94
CA ASP A 345 -33.15 -15.38 12.76
C ASP A 345 -33.83 -15.13 14.10
N ASN A 346 -33.10 -15.35 15.19
CA ASN A 346 -33.62 -15.18 16.54
C ASN A 346 -32.55 -14.52 17.43
N PHE A 347 -32.86 -13.36 17.98
CA PHE A 347 -31.89 -12.64 18.80
C PHE A 347 -31.28 -13.44 19.96
N ASP A 348 -32.13 -14.02 20.79
CA ASP A 348 -31.63 -14.78 21.93
C ASP A 348 -30.75 -15.94 21.51
N ALA A 349 -31.18 -16.66 20.48
CA ALA A 349 -30.40 -17.78 19.99
C ALA A 349 -29.11 -17.32 19.34
N ALA A 350 -29.17 -16.20 18.61
CA ALA A 350 -27.99 -15.67 17.94
C ALA A 350 -26.98 -15.12 18.94
N LYS A 351 -27.47 -14.46 19.98
CA LYS A 351 -26.60 -13.92 21.01
C LYS A 351 -25.84 -15.09 21.63
N ALA A 352 -26.58 -16.14 21.99
CA ALA A 352 -25.97 -17.33 22.58
C ALA A 352 -24.92 -17.93 21.66
N LEU A 353 -25.31 -18.12 20.41
CA LEU A 353 -24.41 -18.68 19.40
C LEU A 353 -23.16 -17.82 19.36
N ALA A 354 -23.37 -16.51 19.23
CA ALA A 354 -22.28 -15.56 19.16
C ALA A 354 -21.36 -15.65 20.36
N GLU A 355 -21.93 -15.60 21.57
CA GLU A 355 -21.11 -15.66 22.77
C GLU A 355 -20.39 -17.00 22.94
N SER A 356 -21.03 -18.06 22.49
CA SER A 356 -20.46 -19.39 22.60
C SER A 356 -19.19 -19.52 21.76
N ILE A 357 -19.03 -18.66 20.76
CA ILE A 357 -17.81 -18.74 19.95
C ILE A 357 -16.81 -17.66 20.31
N GLY A 358 -17.06 -16.99 21.44
CA GLY A 358 -16.14 -15.96 21.91
C GLY A 358 -16.47 -14.49 21.68
N ILE A 359 -17.64 -14.20 21.11
CA ILE A 359 -18.01 -12.82 20.86
C ILE A 359 -18.73 -12.18 22.04
N THR A 360 -18.19 -11.07 22.52
CA THR A 360 -18.81 -10.36 23.63
C THR A 360 -19.89 -9.49 22.98
N VAL A 361 -21.14 -9.88 23.17
CA VAL A 361 -22.26 -9.13 22.58
C VAL A 361 -22.59 -7.93 23.45
N GLU A 362 -22.38 -6.74 22.89
CA GLU A 362 -22.65 -5.47 23.58
C GLU A 362 -24.16 -5.26 23.65
N LYS A 363 -24.60 -4.43 24.59
CA LYS A 363 -26.04 -4.19 24.75
C LYS A 363 -26.69 -3.38 23.63
N SER A 364 -25.90 -2.65 22.85
CA SER A 364 -26.43 -1.86 21.74
C SER A 364 -26.63 -2.68 20.47
N TRP A 365 -26.05 -3.87 20.42
CA TRP A 365 -26.15 -4.77 19.26
C TRP A 365 -27.53 -5.35 19.04
N GLY A 366 -27.85 -5.57 17.78
CA GLY A 366 -29.12 -6.15 17.41
C GLY A 366 -28.82 -7.40 16.61
N LEU A 367 -29.85 -8.04 16.09
CA LEU A 367 -29.63 -9.28 15.33
C LEU A 367 -28.63 -9.13 14.19
N GLY A 368 -28.82 -8.11 13.37
CA GLY A 368 -27.92 -7.89 12.24
C GLY A 368 -26.46 -7.68 12.60
N ARG A 369 -26.21 -7.06 13.74
CA ARG A 369 -24.84 -6.81 14.17
C ARG A 369 -24.21 -8.10 14.67
N ILE A 370 -24.98 -8.89 15.42
CA ILE A 370 -24.50 -10.15 15.96
C ILE A 370 -24.14 -11.10 14.80
N VAL A 371 -25.02 -11.20 13.81
CA VAL A 371 -24.79 -12.07 12.66
C VAL A 371 -23.51 -11.71 11.92
N THR A 372 -23.28 -10.41 11.76
CA THR A 372 -22.10 -9.94 11.07
C THR A 372 -20.86 -10.30 11.88
N GLU A 373 -20.96 -10.16 13.20
CA GLU A 373 -19.86 -10.51 14.09
C GLU A 373 -19.55 -12.00 13.99
N ILE A 374 -20.59 -12.82 13.93
CA ILE A 374 -20.44 -14.26 13.81
C ILE A 374 -19.70 -14.55 12.49
N PHE A 375 -20.13 -13.92 11.41
CA PHE A 375 -19.48 -14.11 10.11
C PHE A 375 -17.99 -13.79 10.20
N ASP A 376 -17.67 -12.72 10.91
CA ASP A 376 -16.28 -12.30 11.04
C ASP A 376 -15.46 -13.38 11.73
N GLU A 377 -16.00 -13.87 12.85
CA GLU A 377 -15.33 -14.89 13.62
C GLU A 377 -15.24 -16.24 12.89
N VAL A 378 -16.34 -16.63 12.28
CA VAL A 378 -16.46 -17.91 11.62
C VAL A 378 -15.96 -18.12 10.20
N ALA A 379 -16.31 -17.24 9.28
CA ALA A 379 -15.94 -17.45 7.87
C ALA A 379 -14.85 -16.61 7.28
N GLU A 380 -14.73 -15.38 7.74
CA GLU A 380 -13.74 -14.44 7.21
C GLU A 380 -12.39 -15.06 6.87
N ALA A 381 -11.76 -15.69 7.87
CA ALA A 381 -10.42 -16.27 7.70
C ALA A 381 -10.29 -17.38 6.65
N HIS A 382 -11.38 -18.06 6.31
CA HIS A 382 -11.33 -19.14 5.34
C HIS A 382 -11.56 -18.69 3.91
N LEU A 383 -11.91 -17.43 3.72
CA LEU A 383 -12.14 -16.91 2.36
C LEU A 383 -10.76 -16.61 1.78
N ILE A 384 -10.12 -17.66 1.27
CA ILE A 384 -8.78 -17.56 0.71
C ILE A 384 -8.79 -17.12 -0.74
N GLN A 385 -9.62 -17.77 -1.53
CA GLN A 385 -9.74 -17.44 -2.95
C GLN A 385 -10.67 -16.23 -3.07
N PRO A 386 -10.44 -15.36 -4.07
CA PRO A 386 -11.27 -14.17 -4.27
C PRO A 386 -12.76 -14.45 -4.06
N THR A 387 -13.36 -13.82 -3.06
CA THR A 387 -14.77 -14.06 -2.77
C THR A 387 -15.57 -12.81 -2.41
N PHE A 388 -16.80 -12.72 -2.91
CA PHE A 388 -17.69 -11.60 -2.61
C PHE A 388 -18.72 -12.13 -1.61
N ILE A 389 -18.92 -11.39 -0.53
CA ILE A 389 -19.89 -11.77 0.49
C ILE A 389 -20.99 -10.71 0.44
N THR A 390 -22.20 -11.12 0.09
CA THR A 390 -23.30 -10.18 -0.01
C THR A 390 -24.32 -10.27 1.14
N GLU A 391 -25.35 -9.44 1.05
CA GLU A 391 -26.42 -9.41 2.03
C GLU A 391 -26.05 -8.90 3.41
N TYR A 392 -25.24 -7.86 3.48
CA TYR A 392 -24.86 -7.29 4.76
C TYR A 392 -26.09 -6.64 5.39
N PRO A 393 -26.34 -6.92 6.68
CA PRO A 393 -27.48 -6.36 7.41
C PRO A 393 -27.50 -4.83 7.38
N ALA A 394 -28.71 -4.28 7.41
CA ALA A 394 -28.90 -2.83 7.39
C ALA A 394 -28.34 -2.18 8.64
N GLU A 395 -28.41 -2.89 9.77
CA GLU A 395 -27.91 -2.37 11.04
C GLU A 395 -26.44 -1.96 11.00
N VAL A 396 -25.63 -2.70 10.26
CA VAL A 396 -24.21 -2.40 10.17
C VAL A 396 -23.83 -1.68 8.87
N SER A 397 -24.84 -1.30 8.09
CA SER A 397 -24.63 -0.58 6.83
C SER A 397 -25.55 0.65 6.79
N PRO A 398 -25.28 1.65 7.65
CA PRO A 398 -26.11 2.86 7.71
C PRO A 398 -26.17 3.75 6.45
N LEU A 399 -25.23 3.55 5.52
CA LEU A 399 -25.17 4.34 4.30
C LEU A 399 -25.47 3.56 3.03
N ALA A 400 -25.86 2.29 3.16
CA ALA A 400 -26.12 1.46 2.00
C ALA A 400 -27.59 1.38 1.65
N ARG A 401 -27.86 1.21 0.36
CA ARG A 401 -29.23 1.11 -0.14
C ARG A 401 -29.90 -0.13 0.43
N ARG A 402 -31.16 0.01 0.87
CA ARG A 402 -31.87 -1.13 1.42
C ARG A 402 -32.20 -2.09 0.30
N ASN A 403 -32.38 -3.36 0.65
CA ASN A 403 -32.71 -4.37 -0.34
C ASN A 403 -34.18 -4.20 -0.65
N ASP A 404 -34.55 -4.25 -1.92
CA ASP A 404 -35.95 -4.05 -2.31
C ASP A 404 -36.92 -5.04 -1.68
N VAL A 405 -36.51 -6.29 -1.56
CA VAL A 405 -37.38 -7.32 -0.99
C VAL A 405 -37.32 -7.40 0.52
N ASN A 406 -36.13 -7.34 1.08
CA ASN A 406 -35.94 -7.42 2.53
C ASN A 406 -35.18 -6.20 3.02
N PRO A 407 -35.89 -5.26 3.64
CA PRO A 407 -35.32 -4.02 4.17
C PRO A 407 -34.26 -4.20 5.24
N GLU A 408 -34.23 -5.36 5.86
CA GLU A 408 -33.27 -5.62 6.93
C GLU A 408 -31.86 -5.92 6.44
N ILE A 409 -31.71 -6.10 5.13
CA ILE A 409 -30.38 -6.32 4.57
C ILE A 409 -30.19 -5.26 3.50
N THR A 410 -28.95 -5.03 3.10
CA THR A 410 -28.67 -3.99 2.11
C THR A 410 -27.91 -4.48 0.89
N ASP A 411 -27.96 -3.68 -0.17
CA ASP A 411 -27.28 -3.99 -1.43
C ASP A 411 -25.79 -3.74 -1.23
N ARG A 412 -25.23 -4.41 -0.23
CA ARG A 412 -23.83 -4.26 0.09
C ARG A 412 -23.08 -5.57 0.04
N PHE A 413 -21.78 -5.49 -0.22
CA PHE A 413 -20.92 -6.66 -0.27
C PHE A 413 -19.55 -6.24 0.18
N GLU A 414 -18.74 -7.21 0.54
CA GLU A 414 -17.36 -6.97 0.92
C GLU A 414 -16.68 -8.12 0.21
N PHE A 415 -15.45 -7.94 -0.22
CA PHE A 415 -14.79 -9.04 -0.87
C PHE A 415 -13.51 -9.39 -0.14
N PHE A 416 -13.21 -10.68 -0.15
CA PHE A 416 -12.06 -11.21 0.56
C PHE A 416 -11.15 -12.02 -0.32
N ILE A 417 -9.86 -11.94 0.00
CA ILE A 417 -8.83 -12.68 -0.70
C ILE A 417 -7.76 -12.98 0.33
N GLY A 418 -7.28 -14.23 0.36
CA GLY A 418 -6.24 -14.61 1.31
C GLY A 418 -6.68 -14.56 2.77
N GLY A 419 -7.98 -14.72 3.01
CA GLY A 419 -8.48 -14.69 4.38
C GLY A 419 -8.61 -13.30 5.01
N ARG A 420 -8.54 -12.26 4.18
CA ARG A 420 -8.64 -10.89 4.66
C ARG A 420 -9.64 -10.07 3.85
N GLU A 421 -10.25 -9.11 4.52
CA GLU A 421 -11.21 -8.20 3.87
C GLU A 421 -10.38 -7.24 3.01
N ILE A 422 -10.67 -7.18 1.72
CA ILE A 422 -9.94 -6.29 0.82
C ILE A 422 -10.77 -5.06 0.46
N GLY A 423 -12.04 -5.28 0.16
CA GLY A 423 -12.90 -4.17 -0.22
C GLY A 423 -14.29 -4.21 0.39
N ASN A 424 -14.98 -3.08 0.25
CA ASN A 424 -16.32 -2.92 0.77
C ASN A 424 -17.03 -2.01 -0.22
N GLY A 425 -18.12 -2.50 -0.81
CA GLY A 425 -18.84 -1.71 -1.78
C GLY A 425 -20.33 -1.91 -1.73
N PHE A 426 -21.10 -0.93 -2.18
CA PHE A 426 -22.55 -1.06 -2.21
C PHE A 426 -23.31 -0.01 -3.03
N SER A 427 -24.59 -0.29 -3.24
CA SER A 427 -25.45 0.64 -3.94
C SER A 427 -25.69 1.67 -2.84
N GLU A 428 -25.37 2.92 -3.13
CA GLU A 428 -25.51 3.99 -2.15
C GLU A 428 -26.94 4.30 -1.77
N LEU A 429 -27.12 4.73 -0.53
CA LEU A 429 -28.43 5.10 -0.03
C LEU A 429 -28.65 6.56 -0.44
N ASN A 430 -29.61 6.81 -1.33
CA ASN A 430 -29.91 8.16 -1.76
C ASN A 430 -31.29 8.64 -1.28
N ASP A 431 -31.77 8.00 -0.22
CA ASP A 431 -33.06 8.30 0.40
C ASP A 431 -32.76 9.10 1.67
N ALA A 432 -32.82 10.43 1.56
CA ALA A 432 -32.52 11.32 2.68
C ALA A 432 -33.28 11.07 3.97
N GLU A 433 -34.56 10.77 3.87
CA GLU A 433 -35.39 10.51 5.06
C GLU A 433 -34.91 9.24 5.76
N ASP A 434 -34.60 8.22 4.96
CA ASP A 434 -34.13 6.97 5.51
C ASP A 434 -32.73 7.21 6.08
N GLN A 435 -31.90 7.96 5.36
CA GLN A 435 -30.57 8.24 5.87
C GLN A 435 -30.64 8.90 7.24
N ALA A 436 -31.56 9.85 7.39
CA ALA A 436 -31.69 10.55 8.66
C ALA A 436 -32.07 9.59 9.78
N GLU A 437 -33.05 8.73 9.52
CA GLU A 437 -33.48 7.77 10.52
C GLU A 437 -32.30 6.89 10.94
N ARG A 438 -31.62 6.33 9.95
CA ARG A 438 -30.48 5.47 10.20
C ARG A 438 -29.38 6.19 10.98
N PHE A 439 -29.23 7.48 10.76
CA PHE A 439 -28.23 8.27 11.49
C PHE A 439 -28.73 8.37 12.93
N GLN A 440 -30.04 8.54 13.09
CA GLN A 440 -30.61 8.65 14.41
C GLN A 440 -30.36 7.37 15.20
N GLU A 441 -30.57 6.23 14.55
CA GLU A 441 -30.35 4.94 15.20
C GLU A 441 -28.88 4.82 15.63
N GLN A 442 -27.96 5.29 14.78
CA GLN A 442 -26.55 5.24 15.12
C GLN A 442 -26.29 6.09 16.34
N VAL A 443 -27.01 7.21 16.46
CA VAL A 443 -26.84 8.12 17.58
C VAL A 443 -27.37 7.48 18.87
N ASN A 444 -28.47 6.75 18.75
CA ASN A 444 -29.05 6.06 19.90
C ASN A 444 -28.07 5.00 20.37
N ALA A 445 -27.47 4.30 19.40
CA ALA A 445 -26.50 3.26 19.70
C ALA A 445 -25.30 3.86 20.39
N LYS A 446 -24.81 4.98 19.88
CA LYS A 446 -23.66 5.62 20.49
C LYS A 446 -24.01 5.93 21.93
N ALA A 447 -25.23 6.42 22.14
CA ALA A 447 -25.70 6.75 23.49
C ALA A 447 -25.83 5.48 24.32
N ALA A 448 -26.01 4.35 23.64
CA ALA A 448 -26.15 3.07 24.32
C ALA A 448 -24.83 2.32 24.49
N GLY A 449 -23.71 3.02 24.29
CA GLY A 449 -22.41 2.38 24.46
C GLY A 449 -21.54 2.21 23.23
N ASP A 450 -22.14 2.15 22.05
CA ASP A 450 -21.38 1.98 20.81
C ASP A 450 -20.46 3.17 20.51
N ASP A 451 -19.24 3.10 21.02
CA ASP A 451 -18.26 4.16 20.83
C ASP A 451 -17.72 4.25 19.40
N GLU A 452 -18.24 3.40 18.51
CA GLU A 452 -17.80 3.42 17.12
C GLU A 452 -18.97 3.81 16.22
N ALA A 453 -20.12 4.10 16.80
CA ALA A 453 -21.29 4.49 16.02
C ALA A 453 -21.09 5.84 15.36
N MET A 454 -21.78 6.03 14.24
CA MET A 454 -21.70 7.28 13.46
C MET A 454 -22.33 8.52 14.11
N PHE A 455 -21.84 9.68 13.70
CA PHE A 455 -22.34 10.95 14.19
C PHE A 455 -23.47 11.37 13.25
N TYR A 456 -24.43 12.11 13.76
CA TYR A 456 -25.50 12.58 12.89
C TYR A 456 -24.92 13.76 12.10
N ASP A 457 -25.08 13.72 10.78
CA ASP A 457 -24.55 14.76 9.92
C ASP A 457 -25.69 15.43 9.17
N GLU A 458 -26.15 16.56 9.71
CA GLU A 458 -27.25 17.29 9.10
C GLU A 458 -26.98 17.71 7.67
N ASP A 459 -25.81 18.29 7.40
CA ASP A 459 -25.49 18.74 6.05
C ASP A 459 -25.51 17.61 5.03
N TYR A 460 -25.05 16.43 5.43
CA TYR A 460 -25.04 15.29 4.53
C TYR A 460 -26.49 14.98 4.14
N VAL A 461 -27.39 14.97 5.10
CA VAL A 461 -28.79 14.71 4.81
C VAL A 461 -29.36 15.78 3.88
N THR A 462 -28.93 17.02 4.09
CA THR A 462 -29.40 18.11 3.24
C THR A 462 -28.91 17.89 1.83
N ALA A 463 -27.65 17.48 1.68
CA ALA A 463 -27.11 17.23 0.35
C ALA A 463 -28.00 16.19 -0.35
N LEU A 464 -28.41 15.18 0.40
CA LEU A 464 -29.27 14.13 -0.16
C LEU A 464 -30.62 14.72 -0.55
N GLU A 465 -31.08 15.71 0.20
CA GLU A 465 -32.36 16.33 -0.10
C GLU A 465 -32.31 17.06 -1.45
N TYR A 466 -31.13 17.50 -1.85
CA TYR A 466 -31.01 18.15 -3.15
C TYR A 466 -31.03 17.09 -4.24
N GLY A 467 -30.80 15.83 -3.84
CA GLY A 467 -30.85 14.72 -4.78
C GLY A 467 -29.55 14.06 -5.22
N LEU A 468 -29.33 12.84 -4.75
CA LEU A 468 -28.15 12.09 -5.15
C LEU A 468 -28.66 11.04 -6.16
N PRO A 469 -28.03 10.96 -7.34
CA PRO A 469 -28.45 9.97 -8.35
C PRO A 469 -28.22 8.54 -7.85
N PRO A 470 -28.94 7.55 -8.42
CA PRO A 470 -28.68 6.20 -7.92
C PRO A 470 -27.17 6.00 -8.11
N THR A 471 -26.49 5.55 -7.07
CA THR A 471 -25.04 5.40 -7.17
C THR A 471 -24.48 4.11 -6.55
N ALA A 472 -23.27 3.78 -6.96
CA ALA A 472 -22.55 2.61 -6.46
C ALA A 472 -21.15 3.10 -6.04
N GLY A 473 -20.76 2.77 -4.81
CA GLY A 473 -19.45 3.18 -4.32
C GLY A 473 -18.65 1.98 -3.86
N LEU A 474 -17.33 2.05 -3.99
CA LEU A 474 -16.48 0.94 -3.60
C LEU A 474 -15.29 1.45 -2.81
N GLY A 475 -14.90 0.69 -1.79
CA GLY A 475 -13.76 1.06 -0.98
C GLY A 475 -12.82 -0.13 -0.94
N ILE A 476 -11.60 0.07 -1.41
CA ILE A 476 -10.61 -0.99 -1.43
C ILE A 476 -9.41 -0.59 -0.60
N GLY A 477 -8.99 -1.47 0.32
CA GLY A 477 -7.81 -1.20 1.14
C GLY A 477 -6.62 -1.42 0.23
N ILE A 478 -5.90 -0.36 -0.09
CA ILE A 478 -4.77 -0.49 -1.00
C ILE A 478 -3.60 -1.29 -0.42
N ASP A 479 -3.29 -1.06 0.85
CA ASP A 479 -2.19 -1.77 1.46
C ASP A 479 -2.46 -3.29 1.40
N ARG A 480 -3.67 -3.69 1.76
CA ARG A 480 -4.02 -5.09 1.72
C ARG A 480 -4.00 -5.67 0.32
N MET A 481 -4.42 -4.88 -0.66
CA MET A 481 -4.41 -5.33 -2.03
C MET A 481 -2.97 -5.50 -2.54
N ILE A 482 -2.06 -4.68 -2.03
CA ILE A 482 -0.66 -4.76 -2.46
C ILE A 482 0.01 -6.01 -1.91
N MET A 483 -0.47 -6.49 -0.76
CA MET A 483 0.07 -7.70 -0.14
C MET A 483 -0.10 -8.85 -1.10
N LEU A 484 -1.30 -8.98 -1.64
CA LEU A 484 -1.66 -10.04 -2.57
C LEU A 484 -0.84 -10.06 -3.85
N PHE A 485 -0.29 -8.91 -4.25
CA PHE A 485 0.49 -8.83 -5.48
C PHE A 485 1.99 -8.87 -5.28
N THR A 486 2.43 -8.81 -4.02
CA THR A 486 3.86 -8.85 -3.73
C THR A 486 4.17 -10.01 -2.78
N ASN A 487 3.22 -10.93 -2.66
CA ASN A 487 3.39 -12.09 -1.79
C ASN A 487 3.85 -11.71 -0.37
N SER A 488 3.21 -10.70 0.22
CA SER A 488 3.58 -10.24 1.56
C SER A 488 2.53 -10.77 2.50
N HIS A 489 2.95 -11.15 3.70
CA HIS A 489 1.99 -11.73 4.64
C HIS A 489 1.74 -10.93 5.88
N THR A 490 2.25 -9.70 5.84
CA THR A 490 2.04 -8.74 6.90
C THR A 490 1.92 -7.40 6.18
N ILE A 491 0.94 -6.61 6.58
CA ILE A 491 0.73 -5.28 5.99
C ILE A 491 2.00 -4.43 6.15
N ARG A 492 2.77 -4.70 7.20
CA ARG A 492 3.99 -3.95 7.45
C ARG A 492 5.03 -4.15 6.35
N ASP A 493 4.85 -5.13 5.49
CA ASP A 493 5.80 -5.35 4.40
C ASP A 493 5.48 -4.53 3.16
N VAL A 494 4.34 -3.85 3.15
CA VAL A 494 3.95 -3.04 1.99
C VAL A 494 3.76 -1.56 2.30
N ILE A 495 4.06 -1.16 3.53
CA ILE A 495 3.94 0.22 3.96
C ILE A 495 5.39 0.61 4.27
N LEU A 496 5.89 1.63 3.58
CA LEU A 496 7.28 2.05 3.78
C LEU A 496 7.65 2.29 5.24
N PHE A 497 6.79 3.01 5.96
CA PHE A 497 7.07 3.30 7.36
C PHE A 497 5.86 2.95 8.20
N PRO A 498 5.74 1.67 8.56
CA PRO A 498 4.62 1.16 9.37
C PRO A 498 4.63 1.74 10.78
N ALA A 499 3.47 1.77 11.42
CA ALA A 499 3.37 2.30 12.78
C ALA A 499 4.12 1.39 13.75
N MET A 500 5.20 1.89 14.32
CA MET A 500 6.00 1.09 15.26
C MET A 500 5.62 1.33 16.71
N ARG A 501 5.61 0.26 17.50
CA ARG A 501 5.30 0.38 18.93
C ARG A 501 6.45 1.17 19.54
N PRO A 502 6.16 1.97 20.58
CA PRO A 502 7.21 2.77 21.23
C PRO A 502 8.47 1.97 21.54
N LYS B . -16.43 4.18 3.40
CA LYS B . -16.38 2.72 3.31
C LYS B . -15.52 2.12 4.42
O LYS B . -14.67 2.86 4.98
CB LYS B . -15.83 2.30 1.94
CG LYS B . -16.73 2.65 0.78
CD LYS B . -18.13 2.13 1.00
CE LYS B . -18.97 2.26 -0.26
NZ LYS B . -19.77 3.52 -0.28
OXT LYS B . -15.69 0.93 4.72
PG ACP C . -11.16 -5.69 9.20
O1G ACP C . -10.92 -5.18 10.59
O2G ACP C . -9.98 -6.37 8.58
O3G ACP C . -12.44 -6.44 9.03
PB ACP C . -12.92 -3.20 8.56
O1B ACP C . -14.09 -3.99 8.11
O2B ACP C . -12.83 -2.73 9.97
C3B ACP C . -11.35 -4.15 8.16
PA ACP C . -13.93 -1.27 6.69
O1A ACP C . -14.63 -2.31 5.91
O2A ACP C . -14.74 -0.38 7.57
O3A ACP C . -12.77 -1.93 7.59
O5' ACP C . -13.04 -0.39 5.69
C5' ACP C . -12.91 -0.76 4.31
C4' ACP C . -11.56 -1.39 4.04
O4' ACP C . -10.46 -0.63 4.62
C3' ACP C . -11.34 -2.78 4.58
O3' ACP C . -11.95 -3.71 3.69
C2' ACP C . -9.82 -2.92 4.52
O2' ACP C . -9.41 -3.18 3.19
C1' ACP C . -9.38 -1.50 4.90
N9 ACP C . -8.96 -1.33 6.28
C8 ACP C . -9.76 -1.10 7.39
N7 ACP C . -9.09 -0.90 8.49
C5 ACP C . -7.77 -1.01 8.11
C6 ACP C . -6.58 -0.90 8.82
N6 ACP C . -6.53 -0.58 10.12
N1 ACP C . -5.43 -1.09 8.16
C2 ACP C . -5.48 -1.39 6.85
N3 ACP C . -6.54 -1.50 6.06
C4 ACP C . -7.68 -1.30 6.76
MG MG D . -16.18 -3.59 6.94
MG MG E . -11.39 -2.84 11.97
MG MG F . -14.78 -6.24 8.76
C1 GOL G . -2.46 -15.29 4.65
O1 GOL G . -1.08 -15.00 4.37
C2 GOL G . -3.12 -16.38 3.85
O2 GOL G . -2.29 -17.08 2.93
C3 GOL G . -3.97 -17.24 4.73
O3 GOL G . -3.98 -18.63 4.44
C1 GOL H . -2.31 8.10 -2.03
O1 GOL H . -2.66 9.26 -1.29
C2 GOL H . -1.80 8.32 -3.41
O2 GOL H . -1.34 9.63 -3.68
C3 GOL H . -0.88 7.23 -3.83
O3 GOL H . 0.10 7.57 -4.79
C1 GOL I . -27.14 -8.30 -1.18
O1 GOL I . -26.33 -7.42 -1.93
C2 GOL I . -28.60 -8.27 -1.47
O2 GOL I . -29.15 -6.98 -1.70
C3 GOL I . -28.99 -9.30 -2.49
O3 GOL I . -29.61 -8.82 -3.67
C1 GOL J . -17.65 0.56 7.42
O1 GOL J . -17.42 0.56 8.83
C2 GOL J . -19.05 0.29 6.95
O2 GOL J . -20.10 0.86 7.72
C3 GOL J . -19.18 0.53 5.49
O3 GOL J . -20.47 0.82 5.01
C1 GOL K . -17.91 8.14 12.96
O1 GOL K . -18.86 7.66 12.01
C2 GOL K . -17.63 7.24 14.11
O2 GOL K . -17.49 5.87 13.81
C3 GOL K . -16.56 7.80 14.99
O3 GOL K . -16.71 7.56 16.39
C1 GOL L . -28.05 -28.72 6.18
O1 GOL L . -27.65 -28.35 7.49
C2 GOL L . -29.46 -28.38 5.80
O2 GOL L . -29.64 -27.12 5.19
C3 GOL L . -30.13 -29.52 5.10
O3 GOL L . -31.36 -29.22 4.45
#